data_5FL3
#
_entry.id   5FL3
#
_cell.length_a   106.750
_cell.length_b   106.750
_cell.length_c   71.450
_cell.angle_alpha   90.00
_cell.angle_beta   90.00
_cell.angle_gamma   120.00
#
_symmetry.space_group_name_H-M   'P 65'
#
loop_
_entity.id
_entity.type
_entity.pdbx_description
1 polymer 'PILI RETRACTION PROTEIN PILT'
2 non-polymer "ADENOSINE-5'-DIPHOSPHATE"
3 non-polymer GLYCEROL
4 non-polymer 'CHLORIDE ION'
5 water water
#
_entity_poly.entity_id   1
_entity_poly.type   'polypeptide(L)'
_entity_poly.pdbx_seq_one_letter_code
;MSEAQGQGKQSLVEMLKAMVQARASDIHLQAGAPPTVRIDGKLRPFGNRPLTPKEVEAIARALLTPEQLEELEYRKEMDF
AYTIPGVARFRCNLLRQRGSFGLVMRVVSEVIPSFEALGLPREVMESLAAKERGLILVTGPTGSGKSTTLAALIDHINLH
YAKNIITIEDPIEFLHKHKKSLVVQREVGLDTDSFYTGLKYALRQDPDVIMVGEMRDRETVEAALMAAQTGHLVLSTLHT
LDAWRTINRIIDFFPLHEHRQVRVLLAESLLGILSQRLLPKADGQGRVLALEILIATPYVRELLKDEEKTPQIKEAMMEG
SLYGMRTFDQHLVELYTEGLISLEDALSAATSPHEFRLLLTKATGQTY
;
_entity_poly.pdbx_strand_id   A
#
# COMPACT_ATOMS: atom_id res chain seq x y z
N GLN A 10 25.24 1.06 -20.08
CA GLN A 10 26.04 0.10 -20.83
C GLN A 10 25.24 -1.13 -21.18
N SER A 11 25.83 -2.27 -20.86
CA SER A 11 25.12 -3.52 -20.72
C SER A 11 24.23 -3.41 -19.47
N LEU A 12 24.75 -2.69 -18.47
CA LEU A 12 24.01 -2.41 -17.25
C LEU A 12 22.64 -1.84 -17.57
N VAL A 13 22.67 -0.74 -18.32
CA VAL A 13 21.47 -0.03 -18.68
C VAL A 13 20.51 -0.94 -19.42
N GLU A 14 21.07 -1.84 -20.23
CA GLU A 14 20.26 -2.80 -20.96
C GLU A 14 19.64 -3.83 -20.03
N MET A 15 20.45 -4.38 -19.12
CA MET A 15 19.95 -5.32 -18.12
C MET A 15 18.82 -4.75 -17.25
N LEU A 16 19.06 -3.56 -16.69
CA LEU A 16 18.05 -2.84 -15.91
C LEU A 16 16.77 -2.68 -16.70
N LYS A 17 16.91 -2.29 -17.96
CA LYS A 17 15.77 -2.06 -18.85
C LYS A 17 15.01 -3.38 -19.08
N ALA A 18 15.74 -4.46 -19.27
CA ALA A 18 15.09 -5.76 -19.41
C ALA A 18 14.37 -6.15 -18.12
N MET A 19 15.06 -5.98 -16.99
CA MET A 19 14.46 -6.24 -15.68
C MET A 19 13.16 -5.45 -15.48
N VAL A 20 13.19 -4.15 -15.77
CA VAL A 20 11.97 -3.36 -15.64
C VAL A 20 10.86 -3.88 -16.55
N GLN A 21 11.20 -4.25 -17.79
CA GLN A 21 10.20 -4.75 -18.73
C GLN A 21 9.64 -6.11 -18.31
N ALA A 22 10.43 -6.85 -17.53
CA ALA A 22 9.95 -8.08 -16.90
C ALA A 22 9.03 -7.82 -15.70
N ARG A 23 8.74 -6.55 -15.43
CA ARG A 23 7.88 -6.11 -14.30
C ARG A 23 8.53 -6.23 -12.92
N ALA A 24 9.84 -6.04 -12.88
CA ALA A 24 10.54 -6.06 -11.60
C ALA A 24 10.13 -4.88 -10.77
N SER A 25 9.67 -5.15 -9.55
CA SER A 25 9.42 -4.11 -8.57
C SER A 25 10.72 -3.72 -7.86
N ASP A 26 11.62 -4.69 -7.73
CA ASP A 26 12.85 -4.51 -6.95
C ASP A 26 13.99 -5.26 -7.60
N ILE A 27 15.15 -4.62 -7.62
CA ILE A 27 16.37 -5.24 -8.14
C ILE A 27 17.43 -5.37 -7.04
N HIS A 28 17.88 -6.59 -6.81
CA HIS A 28 18.92 -6.87 -5.84
C HIS A 28 20.24 -7.23 -6.53
N LEU A 29 21.27 -6.43 -6.26
CA LEU A 29 22.63 -6.66 -6.75
C LEU A 29 23.60 -6.90 -5.58
N GLN A 30 23.89 -8.16 -5.31
CA GLN A 30 24.67 -8.57 -4.15
C GLN A 30 25.78 -9.54 -4.53
N ALA A 31 26.97 -9.34 -3.98
CA ALA A 31 28.09 -10.23 -4.27
C ALA A 31 27.79 -11.69 -3.88
N GLY A 32 28.10 -12.61 -4.80
CA GLY A 32 27.92 -14.02 -4.52
C GLY A 32 26.60 -14.57 -5.02
N ALA A 33 25.76 -13.69 -5.53
CA ALA A 33 24.49 -14.09 -6.12
C ALA A 33 24.39 -13.54 -7.53
N PRO A 34 23.52 -14.13 -8.34
CA PRO A 34 23.32 -13.47 -9.62
C PRO A 34 22.40 -12.26 -9.43
N PRO A 35 22.38 -11.34 -10.41
CA PRO A 35 21.36 -10.28 -10.39
C PRO A 35 19.98 -10.88 -10.16
N THR A 36 19.28 -10.39 -9.15
CA THR A 36 18.05 -11.01 -8.68
C THR A 36 16.91 -10.01 -8.69
N VAL A 37 15.76 -10.42 -9.21
CA VAL A 37 14.67 -9.48 -9.25
C VAL A 37 13.53 -9.96 -8.39
N ARG A 38 12.78 -9.00 -7.87
CA ARG A 38 11.52 -9.29 -7.24
C ARG A 38 10.40 -9.02 -8.26
N ILE A 39 9.67 -10.07 -8.64
CA ILE A 39 8.52 -9.98 -9.55
C ILE A 39 7.32 -10.64 -8.91
N ASP A 40 6.16 -9.98 -8.99
CA ASP A 40 4.94 -10.45 -8.33
C ASP A 40 5.20 -10.92 -6.89
N GLY A 41 6.02 -10.18 -6.17
CA GLY A 41 6.27 -10.43 -4.76
C GLY A 41 7.40 -11.42 -4.51
N LYS A 42 7.80 -12.15 -5.54
CA LYS A 42 8.81 -13.21 -5.37
C LYS A 42 10.15 -12.89 -6.01
N LEU A 43 11.21 -13.24 -5.27
CA LEU A 43 12.57 -13.06 -5.76
C LEU A 43 12.88 -14.14 -6.77
N ARG A 44 13.49 -13.75 -7.86
CA ARG A 44 13.87 -14.69 -8.89
C ARG A 44 15.21 -14.25 -9.44
N PRO A 45 16.07 -15.22 -9.74
CA PRO A 45 17.37 -14.87 -10.33
C PRO A 45 17.16 -14.33 -11.73
N PHE A 46 17.99 -13.39 -12.15
CA PHE A 46 17.92 -12.77 -13.47
C PHE A 46 19.30 -12.93 -14.07
N GLY A 47 19.69 -14.16 -14.34
CA GLY A 47 21.03 -14.48 -14.79
C GLY A 47 21.54 -15.65 -13.98
N ASN A 48 22.60 -16.30 -14.46
CA ASN A 48 23.06 -17.55 -13.87
C ASN A 48 24.43 -17.43 -13.23
N ARG A 49 25.09 -16.30 -13.45
CA ARG A 49 26.40 -16.09 -12.86
C ARG A 49 26.34 -15.15 -11.64
N PRO A 50 26.93 -15.60 -10.52
CA PRO A 50 27.12 -14.79 -9.31
C PRO A 50 27.88 -13.51 -9.59
N LEU A 51 27.38 -12.38 -9.11
CA LEU A 51 28.12 -11.12 -9.16
C LEU A 51 29.33 -11.21 -8.24
N THR A 52 30.46 -10.64 -8.66
CA THR A 52 31.63 -10.56 -7.80
C THR A 52 31.62 -9.21 -7.11
N PRO A 53 32.34 -9.09 -6.00
CA PRO A 53 32.48 -7.76 -5.37
C PRO A 53 32.89 -6.71 -6.38
N LYS A 54 33.87 -7.07 -7.22
CA LYS A 54 34.39 -6.13 -8.22
C LYS A 54 33.27 -5.66 -9.14
N GLU A 55 32.41 -6.57 -9.60
CA GLU A 55 31.33 -6.19 -10.49
C GLU A 55 30.28 -5.32 -9.82
N VAL A 56 29.93 -5.63 -8.56
CA VAL A 56 28.93 -4.83 -7.87
C VAL A 56 29.45 -3.40 -7.70
N GLU A 57 30.70 -3.27 -7.32
CA GLU A 57 31.30 -1.95 -7.19
C GLU A 57 31.25 -1.16 -8.50
N ALA A 58 31.49 -1.84 -9.62
CA ALA A 58 31.52 -1.18 -10.93
C ALA A 58 30.14 -0.68 -11.28
N ILE A 59 29.15 -1.52 -11.02
CA ILE A 59 27.77 -1.12 -11.19
C ILE A 59 27.46 0.12 -10.34
N ALA A 60 27.83 0.08 -9.07
CA ALA A 60 27.69 1.24 -8.20
C ALA A 60 28.36 2.49 -8.78
N ARG A 61 29.64 2.40 -9.17
CA ARG A 61 30.33 3.59 -9.65
C ARG A 61 29.71 4.14 -10.94
N ALA A 62 29.11 3.25 -11.73
CA ALA A 62 28.44 3.63 -12.97
C ALA A 62 27.14 4.38 -12.73
N LEU A 63 26.57 4.24 -11.53
CA LEU A 63 25.29 4.86 -11.21
C LEU A 63 25.41 6.20 -10.49
N LEU A 64 26.54 6.45 -9.85
CA LEU A 64 26.72 7.65 -9.05
C LEU A 64 27.32 8.83 -9.81
N THR A 65 26.95 10.03 -9.39
CA THR A 65 27.56 11.24 -9.92
C THR A 65 28.92 11.38 -9.22
N PRO A 66 29.85 12.14 -9.84
CA PRO A 66 31.18 12.25 -9.23
C PRO A 66 31.18 12.80 -7.80
N GLU A 67 30.25 13.71 -7.50
CA GLU A 67 30.13 14.19 -6.13
C GLU A 67 29.71 13.02 -5.21
N GLN A 68 28.66 12.31 -5.62
CA GLN A 68 28.19 11.12 -4.90
C GLN A 68 29.30 10.12 -4.66
N LEU A 69 30.16 9.96 -5.67
CA LEU A 69 31.31 9.07 -5.57
C LEU A 69 32.24 9.44 -4.42
N GLU A 70 32.43 10.74 -4.22
CA GLU A 70 33.33 11.14 -3.15
C GLU A 70 32.66 10.94 -1.79
N GLU A 71 31.41 11.39 -1.64
CA GLU A 71 30.71 11.23 -0.37
C GLU A 71 30.50 9.74 -0.04
N LEU A 72 30.63 8.88 -1.04
CA LEU A 72 30.46 7.46 -0.85
C LEU A 72 31.52 6.89 0.07
N GLU A 73 32.73 7.43 -0.03
CA GLU A 73 33.83 6.96 0.81
C GLU A 73 33.64 7.38 2.27
N TYR A 74 32.61 8.17 2.55
CA TYR A 74 32.33 8.59 3.90
C TYR A 74 31.11 7.91 4.54
N ARG A 75 30.44 7.04 3.80
CA ARG A 75 29.16 6.47 4.25
C ARG A 75 29.10 4.92 4.23
N LYS A 76 28.46 4.35 5.24
CA LYS A 76 28.20 2.92 5.26
C LYS A 76 27.04 2.60 4.32
N GLU A 77 26.11 3.55 4.18
CA GLU A 77 24.95 3.37 3.32
C GLU A 77 24.68 4.66 2.53
N MET A 78 24.07 4.52 1.36
CA MET A 78 23.70 5.67 0.56
C MET A 78 22.38 5.43 -0.12
N ASP A 79 21.47 6.38 0.04
CA ASP A 79 20.16 6.30 -0.59
C ASP A 79 20.14 7.35 -1.70
N PHE A 80 19.84 6.96 -2.94
CA PHE A 80 19.85 7.95 -4.04
C PHE A 80 18.90 7.62 -5.21
N ALA A 81 18.47 8.67 -5.91
CA ALA A 81 17.64 8.51 -7.11
C ALA A 81 18.48 8.28 -8.36
N TYR A 82 17.94 7.51 -9.29
CA TYR A 82 18.61 7.30 -10.55
C TYR A 82 17.59 7.05 -11.64
N THR A 83 17.78 7.69 -12.80
CA THR A 83 16.80 7.56 -13.87
C THR A 83 17.40 7.04 -15.17
N ILE A 84 16.74 6.07 -15.78
CA ILE A 84 17.05 5.72 -17.15
C ILE A 84 15.96 6.35 -18.01
N PRO A 85 16.28 7.48 -18.67
CA PRO A 85 15.32 8.29 -19.42
C PRO A 85 14.35 7.44 -20.26
N GLY A 86 13.07 7.63 -20.01
CA GLY A 86 12.04 6.94 -20.77
C GLY A 86 12.00 5.45 -20.52
N VAL A 87 12.55 5.01 -19.39
CA VAL A 87 12.51 3.60 -19.02
C VAL A 87 11.95 3.42 -17.61
N ALA A 88 12.62 4.01 -16.63
CA ALA A 88 12.17 3.92 -15.26
C ALA A 88 12.87 4.94 -14.39
N ARG A 89 12.25 5.20 -13.24
CA ARG A 89 12.88 5.92 -12.14
C ARG A 89 13.09 4.95 -11.00
N PHE A 90 14.29 5.02 -10.42
CA PHE A 90 14.72 4.15 -9.31
C PHE A 90 15.09 4.96 -8.09
N ARG A 91 14.75 4.45 -6.91
CA ARG A 91 15.44 4.87 -5.70
C ARG A 91 16.38 3.72 -5.36
N CYS A 92 17.61 4.05 -4.98
CA CYS A 92 18.65 3.06 -4.82
C CYS A 92 19.29 3.12 -3.46
N ASN A 93 19.49 1.95 -2.87
CA ASN A 93 20.18 1.85 -1.61
C ASN A 93 21.47 1.08 -1.77
N LEU A 94 22.56 1.82 -1.70
CA LEU A 94 23.89 1.23 -1.74
C LEU A 94 24.20 0.84 -0.31
N LEU A 95 24.72 -0.38 -0.12
CA LEU A 95 25.12 -0.82 1.21
C LEU A 95 26.48 -1.49 1.13
N ARG A 96 27.01 -1.85 2.30
CA ARG A 96 28.22 -2.65 2.44
C ARG A 96 27.87 -3.92 3.19
N GLN A 97 28.30 -5.06 2.68
CA GLN A 97 28.08 -6.29 3.43
C GLN A 97 29.23 -7.25 3.17
N ARG A 98 29.80 -7.75 4.24
CA ARG A 98 30.96 -8.65 4.19
C ARG A 98 32.08 -8.12 3.31
N GLY A 99 32.40 -6.85 3.51
CA GLY A 99 33.50 -6.19 2.83
C GLY A 99 33.15 -5.74 1.43
N SER A 100 31.90 -5.94 1.06
CA SER A 100 31.54 -5.76 -0.33
C SER A 100 30.35 -4.83 -0.49
N PHE A 101 30.32 -4.12 -1.61
CA PHE A 101 29.15 -3.27 -1.90
C PHE A 101 27.95 -4.12 -2.26
N GLY A 102 26.79 -3.61 -1.89
CA GLY A 102 25.51 -4.19 -2.29
C GLY A 102 24.63 -3.08 -2.85
N LEU A 103 23.61 -3.47 -3.59
CA LEU A 103 22.77 -2.49 -4.25
C LEU A 103 21.34 -2.99 -4.30
N VAL A 104 20.41 -2.17 -3.81
CA VAL A 104 19.01 -2.51 -3.92
C VAL A 104 18.30 -1.37 -4.60
N MET A 105 17.71 -1.64 -5.76
CA MET A 105 17.06 -0.63 -6.55
C MET A 105 15.55 -0.86 -6.57
N ARG A 106 14.78 0.16 -6.22
CA ARG A 106 13.32 0.08 -6.33
C ARG A 106 12.78 0.88 -7.51
N VAL A 107 11.91 0.28 -8.30
CA VAL A 107 11.31 1.03 -9.42
C VAL A 107 10.18 1.92 -8.91
N VAL A 108 10.26 3.22 -9.19
CA VAL A 108 9.18 4.15 -8.90
C VAL A 108 8.30 4.19 -10.14
N SER A 109 7.12 3.59 -10.12
CA SER A 109 6.36 3.55 -11.36
C SER A 109 5.50 4.79 -11.57
N GLU A 110 5.31 5.11 -12.84
CA GLU A 110 4.47 6.21 -13.22
C GLU A 110 3.26 5.69 -13.95
N VAL A 111 3.10 4.37 -13.94
CA VAL A 111 2.01 3.72 -14.64
C VAL A 111 1.04 3.12 -13.62
N ILE A 112 -0.17 3.65 -13.59
CA ILE A 112 -1.13 3.31 -12.57
C ILE A 112 -2.17 2.33 -13.08
N PRO A 113 -2.21 1.14 -12.47
CA PRO A 113 -3.15 0.10 -12.87
C PRO A 113 -4.59 0.55 -12.69
N SER A 114 -5.50 0.05 -13.52
CA SER A 114 -6.93 0.30 -13.35
C SER A 114 -7.51 -0.49 -12.19
N PHE A 115 -8.66 -0.06 -11.69
CA PHE A 115 -9.36 -0.78 -10.64
C PHE A 115 -9.55 -2.20 -11.07
N GLU A 116 -9.90 -2.37 -12.34
CA GLU A 116 -10.23 -3.69 -12.86
C GLU A 116 -8.99 -4.57 -12.90
N ALA A 117 -7.88 -4.02 -13.39
CA ALA A 117 -6.58 -4.68 -13.28
C ALA A 117 -6.26 -5.14 -11.86
N LEU A 118 -6.62 -4.32 -10.86
CA LEU A 118 -6.25 -4.61 -9.48
C LEU A 118 -7.22 -5.55 -8.79
N GLY A 119 -8.33 -5.86 -9.47
CA GLY A 119 -9.39 -6.63 -8.86
C GLY A 119 -10.12 -5.89 -7.75
N LEU A 120 -10.23 -4.56 -7.89
CA LEU A 120 -10.94 -3.70 -6.94
C LEU A 120 -12.29 -3.30 -7.53
N PRO A 121 -13.39 -3.57 -6.81
CA PRO A 121 -14.73 -3.31 -7.36
C PRO A 121 -14.99 -1.83 -7.66
N ARG A 122 -15.19 -1.55 -8.95
CA ARG A 122 -15.20 -0.19 -9.45
C ARG A 122 -16.21 0.69 -8.76
N GLU A 123 -17.41 0.14 -8.56
CA GLU A 123 -18.52 0.90 -8.03
C GLU A 123 -18.23 1.34 -6.60
N VAL A 124 -17.72 0.41 -5.80
CA VAL A 124 -17.29 0.74 -4.44
C VAL A 124 -16.20 1.81 -4.41
N MET A 125 -15.22 1.68 -5.30
CA MET A 125 -14.10 2.62 -5.30
C MET A 125 -14.59 4.03 -5.61
N GLU A 126 -15.29 4.18 -6.72
CA GLU A 126 -15.80 5.49 -7.13
C GLU A 126 -16.73 6.11 -6.09
N SER A 127 -17.44 5.26 -5.37
CA SER A 127 -18.33 5.75 -4.33
C SER A 127 -17.51 6.39 -3.18
N LEU A 128 -16.46 5.70 -2.76
CA LEU A 128 -15.55 6.19 -1.72
C LEU A 128 -14.81 7.45 -2.16
N ALA A 129 -14.38 7.47 -3.43
CA ALA A 129 -13.71 8.63 -4.02
C ALA A 129 -14.62 9.85 -4.04
N ALA A 130 -15.93 9.62 -4.12
CA ALA A 130 -16.90 10.70 -4.26
C ALA A 130 -17.15 11.43 -2.95
N LYS A 131 -16.94 10.75 -1.83
CA LYS A 131 -17.09 11.40 -0.52
C LYS A 131 -16.05 12.50 -0.41
N GLU A 132 -16.41 13.59 0.23
CA GLU A 132 -15.46 14.68 0.35
C GLU A 132 -15.01 14.89 1.80
N ARG A 133 -15.48 14.02 2.68
CA ARG A 133 -15.08 14.02 4.07
C ARG A 133 -14.97 12.56 4.53
N GLY A 134 -14.04 12.24 5.42
CA GLY A 134 -13.98 10.89 5.97
C GLY A 134 -12.64 10.18 5.83
N LEU A 135 -12.52 9.06 6.55
CA LEU A 135 -11.29 8.28 6.57
C LEU A 135 -11.42 6.96 5.80
N ILE A 136 -10.60 6.80 4.76
CA ILE A 136 -10.53 5.55 3.99
C ILE A 136 -9.25 4.83 4.42
N LEU A 137 -9.39 3.62 4.96
CA LEU A 137 -8.23 2.84 5.38
C LEU A 137 -8.00 1.61 4.51
N VAL A 138 -6.82 1.52 3.93
CA VAL A 138 -6.42 0.33 3.17
C VAL A 138 -5.41 -0.46 4.01
N THR A 139 -5.78 -1.67 4.46
CA THR A 139 -4.94 -2.37 5.44
C THR A 139 -4.41 -3.74 4.96
N GLY A 140 -3.39 -4.23 5.65
CA GLY A 140 -2.75 -5.47 5.26
C GLY A 140 -1.25 -5.40 5.53
N PRO A 141 -0.57 -6.56 5.55
CA PRO A 141 0.87 -6.48 5.82
C PRO A 141 1.65 -6.08 4.57
N THR A 142 2.93 -5.75 4.71
CA THR A 142 3.78 -5.47 3.54
C THR A 142 3.52 -6.43 2.40
N GLY A 143 3.35 -5.89 1.19
CA GLY A 143 3.21 -6.72 0.02
C GLY A 143 1.78 -7.10 -0.29
N SER A 144 0.84 -6.35 0.27
CA SER A 144 -0.58 -6.65 0.09
C SER A 144 -1.22 -5.80 -1.00
N GLY A 145 -0.44 -4.92 -1.62
CA GLY A 145 -0.97 -4.03 -2.64
C GLY A 145 -1.68 -2.79 -2.10
N LYS A 146 -1.27 -2.34 -0.92
CA LYS A 146 -1.90 -1.18 -0.28
C LYS A 146 -1.52 0.09 -1.02
N SER A 147 -0.22 0.26 -1.33
CA SER A 147 0.28 1.40 -2.11
C SER A 147 -0.45 1.54 -3.44
N THR A 148 -0.75 0.39 -4.03
CA THR A 148 -1.31 0.31 -5.37
C THR A 148 -2.79 0.64 -5.33
N THR A 149 -3.50 0.10 -4.36
CA THR A 149 -4.89 0.47 -4.25
C THR A 149 -4.98 1.97 -4.05
N LEU A 150 -4.13 2.52 -3.19
CA LEU A 150 -4.11 3.96 -2.93
C LEU A 150 -3.77 4.75 -4.20
N ALA A 151 -2.78 4.30 -4.96
CA ALA A 151 -2.41 5.00 -6.16
C ALA A 151 -3.56 5.02 -7.19
N ALA A 152 -4.35 3.93 -7.25
CA ALA A 152 -5.45 3.85 -8.22
C ALA A 152 -6.53 4.79 -7.75
N LEU A 153 -6.73 4.81 -6.45
CA LEU A 153 -7.75 5.65 -5.84
C LEU A 153 -7.43 7.15 -6.01
N ILE A 154 -6.17 7.53 -5.86
CA ILE A 154 -5.77 8.92 -6.02
C ILE A 154 -5.90 9.35 -7.49
N ASP A 155 -5.54 8.43 -8.38
CA ASP A 155 -5.57 8.66 -9.82
C ASP A 155 -6.98 8.94 -10.30
N HIS A 156 -7.93 8.25 -9.69
CA HIS A 156 -9.33 8.39 -10.07
C HIS A 156 -9.85 9.75 -9.72
N ILE A 157 -9.50 10.19 -8.52
CA ILE A 157 -9.79 11.52 -8.02
C ILE A 157 -9.15 12.60 -8.91
N ASN A 158 -7.86 12.40 -9.18
CA ASN A 158 -7.07 13.34 -9.95
C ASN A 158 -7.67 13.54 -11.35
N LEU A 159 -8.39 12.55 -11.86
CA LEU A 159 -8.80 12.70 -13.24
C LEU A 159 -10.31 12.96 -13.41
N HIS A 160 -11.04 13.07 -12.31
CA HIS A 160 -12.47 13.41 -12.38
C HIS A 160 -12.85 14.55 -11.47
N TYR A 161 -11.94 14.99 -10.60
CA TYR A 161 -12.23 16.03 -9.62
C TYR A 161 -11.16 17.13 -9.59
N ALA A 162 -11.57 18.36 -9.33
CA ALA A 162 -10.61 19.46 -9.23
C ALA A 162 -10.28 19.72 -7.76
N LYS A 163 -9.28 19.02 -7.25
CA LYS A 163 -8.97 19.05 -5.84
C LYS A 163 -7.50 19.25 -5.55
N ASN A 164 -7.21 19.65 -4.32
CA ASN A 164 -5.83 19.68 -3.89
C ASN A 164 -5.52 18.41 -3.06
N ILE A 165 -4.69 17.55 -3.62
CA ILE A 165 -4.36 16.26 -3.00
C ILE A 165 -2.94 16.29 -2.48
N ILE A 166 -2.80 16.10 -1.17
CA ILE A 166 -1.48 16.14 -0.53
C ILE A 166 -1.16 14.79 0.08
N THR A 167 -0.09 14.17 -0.41
CA THR A 167 0.29 12.85 0.05
C THR A 167 1.60 12.94 0.86
N ILE A 168 1.72 12.12 1.90
CA ILE A 168 2.93 12.05 2.71
C ILE A 168 3.39 10.61 2.76
N GLU A 169 4.55 10.35 2.19
CA GLU A 169 4.92 9.00 1.76
C GLU A 169 6.31 8.64 2.21
N ASP A 170 6.48 7.36 2.51
CA ASP A 170 7.76 6.85 2.96
C ASP A 170 8.00 5.43 2.47
N PRO A 171 8.54 5.29 1.25
CA PRO A 171 8.87 6.36 0.29
C PRO A 171 7.74 6.59 -0.75
N ILE A 172 7.93 7.49 -1.70
CA ILE A 172 6.95 7.63 -2.79
C ILE A 172 7.04 6.43 -3.70
N GLU A 173 5.93 5.70 -3.85
CA GLU A 173 5.90 4.46 -4.62
C GLU A 173 5.41 4.71 -6.05
N PHE A 174 4.47 5.64 -6.18
CA PHE A 174 3.91 6.03 -7.47
C PHE A 174 4.02 7.53 -7.69
N LEU A 175 4.40 7.93 -8.90
CA LEU A 175 4.44 9.35 -9.28
C LEU A 175 3.17 9.75 -10.04
N HIS A 176 2.46 10.73 -9.51
CA HIS A 176 1.26 11.25 -10.16
C HIS A 176 1.57 12.52 -10.89
N LYS A 177 1.02 12.67 -12.09
CA LYS A 177 1.09 13.96 -12.75
C LYS A 177 -0.19 14.73 -12.47
N HIS A 178 -0.15 16.03 -12.65
CA HIS A 178 -1.33 16.88 -12.57
C HIS A 178 -2.33 16.48 -13.67
N LYS A 179 -3.57 16.26 -13.28
CA LYS A 179 -4.63 16.04 -14.27
C LYS A 179 -5.70 17.06 -13.97
N LYS A 180 -6.79 16.64 -13.35
CA LYS A 180 -7.80 17.61 -12.94
C LYS A 180 -7.50 18.17 -11.56
N SER A 181 -6.73 17.43 -10.77
CA SER A 181 -6.36 17.82 -9.41
C SER A 181 -4.91 18.25 -9.32
N LEU A 182 -4.57 18.94 -8.23
CA LEU A 182 -3.18 19.09 -7.84
C LEU A 182 -2.82 17.89 -6.98
N VAL A 183 -1.64 17.32 -7.23
CA VAL A 183 -1.16 16.22 -6.44
C VAL A 183 0.20 16.61 -5.90
N VAL A 184 0.23 16.92 -4.60
CA VAL A 184 1.43 17.37 -3.93
C VAL A 184 1.95 16.19 -3.16
N GLN A 185 3.13 15.70 -3.55
CA GLN A 185 3.71 14.50 -2.94
C GLN A 185 5.01 14.81 -2.19
N ARG A 186 4.96 14.50 -0.90
CA ARG A 186 6.00 14.86 0.05
C ARG A 186 6.66 13.62 0.63
N GLU A 187 7.91 13.39 0.29
CA GLU A 187 8.64 12.19 0.71
C GLU A 187 9.27 12.39 2.08
N VAL A 188 8.99 11.46 3.00
CA VAL A 188 9.55 11.52 4.35
C VAL A 188 11.06 11.32 4.30
N GLY A 189 11.80 12.21 4.96
CA GLY A 189 13.24 12.20 4.93
C GLY A 189 13.83 13.17 3.93
N LEU A 190 13.01 13.67 3.00
CA LEU A 190 13.49 14.56 1.94
C LEU A 190 12.66 15.85 1.90
N ASP A 191 11.35 15.68 1.72
CA ASP A 191 10.42 16.80 1.63
C ASP A 191 9.91 17.27 2.98
N THR A 192 9.80 16.35 3.93
CA THR A 192 9.25 16.62 5.25
C THR A 192 9.83 15.59 6.19
N ASP A 193 9.93 15.92 7.47
CA ASP A 193 10.59 15.04 8.46
C ASP A 193 9.87 13.75 8.77
N SER A 194 8.55 13.77 8.82
CA SER A 194 7.80 12.61 9.23
C SER A 194 6.39 12.64 8.69
N PHE A 195 5.65 11.55 8.89
CA PHE A 195 4.22 11.52 8.62
C PHE A 195 3.50 12.59 9.42
N TYR A 196 3.91 12.76 10.67
CA TYR A 196 3.24 13.71 11.54
C TYR A 196 3.46 15.12 11.01
N THR A 197 4.72 15.48 10.76
CA THR A 197 5.07 16.80 10.22
C THR A 197 4.30 17.10 8.94
N GLY A 198 4.28 16.10 8.07
CA GLY A 198 3.59 16.24 6.82
C GLY A 198 2.10 16.42 7.03
N LEU A 199 1.52 15.61 7.92
CA LEU A 199 0.09 15.66 8.15
C LEU A 199 -0.25 17.02 8.74
N LYS A 200 0.53 17.45 9.72
CA LYS A 200 0.26 18.69 10.42
C LYS A 200 0.28 19.90 9.48
N TYR A 201 1.31 20.03 8.65
CA TYR A 201 1.39 21.21 7.82
C TYR A 201 0.44 21.07 6.64
N ALA A 202 0.03 19.85 6.32
CA ALA A 202 -0.97 19.68 5.26
C ALA A 202 -2.26 20.40 5.65
N LEU A 203 -2.55 20.44 6.96
CA LEU A 203 -3.76 21.09 7.47
C LEU A 203 -3.75 22.59 7.14
N ARG A 204 -2.55 23.11 6.93
CA ARG A 204 -2.30 24.51 6.58
C ARG A 204 -2.15 24.77 5.09
N GLN A 205 -2.30 23.76 4.27
CA GLN A 205 -1.97 23.94 2.85
C GLN A 205 -3.22 23.80 2.00
N ASP A 206 -4.37 24.13 2.59
CA ASP A 206 -5.65 24.11 1.89
C ASP A 206 -5.89 22.81 1.09
N PRO A 207 -5.87 21.64 1.77
CA PRO A 207 -6.06 20.40 1.02
C PRO A 207 -7.53 20.00 0.94
N ASP A 208 -7.90 19.25 -0.09
CA ASP A 208 -9.18 18.51 -0.07
C ASP A 208 -8.95 17.05 0.34
N VAL A 209 -7.84 16.49 -0.16
CA VAL A 209 -7.53 15.09 0.07
C VAL A 209 -6.16 14.99 0.66
N ILE A 210 -6.06 14.30 1.79
CA ILE A 210 -4.76 14.02 2.39
C ILE A 210 -4.49 12.52 2.48
N MET A 211 -3.37 12.10 1.92
CA MET A 211 -2.97 10.72 2.03
C MET A 211 -1.75 10.61 2.94
N VAL A 212 -1.91 9.87 4.02
CA VAL A 212 -0.83 9.57 4.95
C VAL A 212 -0.45 8.13 4.77
N GLY A 213 0.73 7.89 4.17
CA GLY A 213 1.15 6.54 3.79
C GLY A 213 0.96 5.46 4.84
N GLU A 214 1.26 5.79 6.09
CA GLU A 214 0.98 4.88 7.20
C GLU A 214 0.93 5.64 8.51
N MET A 215 0.26 5.03 9.49
CA MET A 215 0.07 5.62 10.82
C MET A 215 0.73 4.73 11.88
N ARG A 216 1.72 5.25 12.58
CA ARG A 216 2.53 4.44 13.48
C ARG A 216 2.40 4.95 14.92
N ASP A 217 2.17 6.25 15.03
CA ASP A 217 1.95 6.92 16.30
C ASP A 217 0.50 6.91 16.74
N ARG A 218 0.26 7.13 18.02
CA ARG A 218 -1.05 7.54 18.45
C ARG A 218 -1.29 8.97 17.92
N GLU A 219 -0.20 9.73 17.90
CA GLU A 219 -0.22 11.13 17.49
C GLU A 219 -0.71 11.24 16.06
N THR A 220 -0.09 10.47 15.17
CA THR A 220 -0.49 10.42 13.77
C THR A 220 -1.91 9.84 13.57
N VAL A 221 -2.28 8.81 14.33
CA VAL A 221 -3.60 8.22 14.18
C VAL A 221 -4.66 9.24 14.58
N GLU A 222 -4.42 9.93 15.70
CA GLU A 222 -5.37 10.92 16.18
C GLU A 222 -5.49 12.08 15.21
N ALA A 223 -4.33 12.53 14.70
CA ALA A 223 -4.29 13.68 13.81
C ALA A 223 -5.06 13.35 12.55
N ALA A 224 -4.86 12.14 12.05
CA ALA A 224 -5.53 11.69 10.85
C ALA A 224 -7.05 11.61 11.08
N LEU A 225 -7.47 11.13 12.24
CA LEU A 225 -8.90 11.02 12.53
C LEU A 225 -9.52 12.39 12.56
N MET A 226 -8.86 13.31 13.27
CA MET A 226 -9.30 14.70 13.41
C MET A 226 -9.42 15.38 12.04
N ALA A 227 -8.37 15.25 11.24
CA ALA A 227 -8.36 15.75 9.87
C ALA A 227 -9.60 15.25 9.11
N ALA A 228 -9.94 13.98 9.30
CA ALA A 228 -11.13 13.39 8.69
C ALA A 228 -12.42 13.96 9.27
N GLN A 229 -12.40 14.23 10.56
CA GLN A 229 -13.54 14.78 11.26
C GLN A 229 -13.82 16.19 10.80
N THR A 230 -12.74 16.90 10.52
CA THR A 230 -12.76 18.30 10.13
C THR A 230 -13.51 18.51 8.83
N GLY A 231 -13.38 17.56 7.93
CA GLY A 231 -14.06 17.68 6.66
C GLY A 231 -13.19 17.31 5.47
N HIS A 232 -11.92 17.02 5.71
CA HIS A 232 -11.05 16.55 4.62
C HIS A 232 -11.29 15.08 4.36
N LEU A 233 -11.06 14.66 3.12
CA LEU A 233 -10.93 13.24 2.79
C LEU A 233 -9.51 12.75 3.10
N VAL A 234 -9.42 11.75 3.99
CA VAL A 234 -8.14 11.22 4.42
C VAL A 234 -7.97 9.75 4.01
N LEU A 235 -6.86 9.45 3.35
CA LEU A 235 -6.51 8.08 3.01
C LEU A 235 -5.31 7.61 3.83
N SER A 236 -5.37 6.41 4.37
CA SER A 236 -4.22 5.87 5.09
C SER A 236 -4.24 4.36 5.13
N THR A 237 -3.20 3.80 5.72
CA THR A 237 -3.03 2.35 5.81
C THR A 237 -2.67 1.93 7.20
N LEU A 238 -3.01 0.69 7.53
CA LEU A 238 -2.55 0.08 8.76
C LEU A 238 -2.11 -1.34 8.37
N HIS A 239 -1.39 -2.03 9.24
CA HIS A 239 -0.83 -3.35 8.97
C HIS A 239 -1.81 -4.49 9.21
N THR A 240 -2.98 -4.15 9.73
CA THR A 240 -3.94 -5.14 10.23
C THR A 240 -4.69 -5.94 9.17
N LEU A 241 -5.05 -7.17 9.53
CA LEU A 241 -5.45 -8.18 8.56
C LEU A 241 -6.87 -8.02 8.04
N ASP A 242 -7.77 -7.53 8.89
CA ASP A 242 -9.16 -7.33 8.47
C ASP A 242 -9.79 -6.14 9.18
N ALA A 243 -11.08 -5.94 8.97
CA ALA A 243 -11.78 -4.80 9.56
C ALA A 243 -11.82 -4.88 11.08
N TRP A 244 -12.24 -6.02 11.61
CA TRP A 244 -12.26 -6.24 13.05
C TRP A 244 -10.93 -5.85 13.72
N ARG A 245 -9.83 -6.42 13.24
CA ARG A 245 -8.48 -6.13 13.78
C ARG A 245 -8.06 -4.68 13.56
N THR A 246 -8.52 -4.09 12.45
CA THR A 246 -8.14 -2.73 12.12
C THR A 246 -8.77 -1.75 13.10
N ILE A 247 -10.06 -1.94 13.33
CA ILE A 247 -10.82 -1.14 14.28
C ILE A 247 -10.20 -1.21 15.66
N ASN A 248 -9.91 -2.43 16.12
CA ASN A 248 -9.35 -2.60 17.46
C ASN A 248 -7.96 -2.05 17.58
N ARG A 249 -7.20 -2.15 16.49
CA ARG A 249 -5.84 -1.66 16.52
C ARG A 249 -5.77 -0.14 16.70
N ILE A 250 -6.57 0.59 15.92
CA ILE A 250 -6.75 2.03 16.10
C ILE A 250 -7.09 2.45 17.52
N ILE A 251 -8.04 1.74 18.14
CA ILE A 251 -8.43 2.05 19.51
C ILE A 251 -7.29 1.72 20.49
N ASP A 252 -6.64 0.57 20.29
CA ASP A 252 -5.54 0.16 21.16
C ASP A 252 -4.33 1.08 21.06
N PHE A 253 -4.36 2.07 20.17
CA PHE A 253 -3.30 3.06 20.16
C PHE A 253 -3.40 4.02 21.35
N PHE A 254 -4.55 4.04 22.00
CA PHE A 254 -4.83 5.06 23.01
C PHE A 254 -4.84 4.52 24.43
N PRO A 255 -4.58 5.39 25.41
CA PRO A 255 -4.86 5.03 26.79
C PRO A 255 -6.31 4.62 26.98
N LEU A 256 -6.52 3.64 27.86
CA LEU A 256 -7.81 3.00 28.08
C LEU A 256 -8.93 3.98 28.43
N HIS A 257 -8.60 5.01 29.21
CA HIS A 257 -9.63 5.95 29.67
C HIS A 257 -10.14 6.86 28.55
N GLU A 258 -9.43 6.88 27.42
CA GLU A 258 -9.86 7.68 26.27
C GLU A 258 -10.72 6.90 25.26
N HIS A 259 -10.78 5.58 25.42
CA HIS A 259 -11.34 4.72 24.38
C HIS A 259 -12.74 5.04 23.87
N ARG A 260 -13.67 5.49 24.70
CA ARG A 260 -14.97 5.71 24.09
C ARG A 260 -14.98 7.05 23.33
N GLN A 261 -14.07 7.95 23.68
CA GLN A 261 -13.85 9.14 22.86
C GLN A 261 -13.39 8.70 21.49
N VAL A 262 -12.42 7.80 21.47
CA VAL A 262 -11.86 7.30 20.22
C VAL A 262 -12.94 6.58 19.37
N ARG A 263 -13.79 5.77 19.98
CA ARG A 263 -14.89 5.14 19.24
C ARG A 263 -15.79 6.17 18.61
N VAL A 264 -16.16 7.19 19.40
CA VAL A 264 -16.99 8.26 18.88
C VAL A 264 -16.30 8.89 17.69
N LEU A 265 -15.03 9.25 17.87
CA LEU A 265 -14.25 9.83 16.79
C LEU A 265 -14.13 8.87 15.62
N LEU A 266 -13.83 7.60 15.89
CA LEU A 266 -13.68 6.65 14.81
C LEU A 266 -15.00 6.43 14.06
N ALA A 267 -16.10 6.21 14.80
CA ALA A 267 -17.38 5.92 14.18
C ALA A 267 -17.87 7.04 13.25
N GLU A 268 -17.68 8.30 13.65
CA GLU A 268 -18.29 9.37 12.85
C GLU A 268 -17.46 9.73 11.61
N SER A 269 -16.14 9.58 11.68
CA SER A 269 -15.27 9.94 10.56
C SER A 269 -14.87 8.76 9.60
N LEU A 270 -15.08 7.51 9.99
CA LEU A 270 -14.77 6.40 9.09
C LEU A 270 -15.72 6.34 7.89
N LEU A 271 -15.18 5.97 6.73
CA LEU A 271 -15.97 5.80 5.50
C LEU A 271 -15.98 4.37 5.01
N GLY A 272 -14.82 3.74 5.12
CA GLY A 272 -14.59 2.42 4.59
C GLY A 272 -13.25 1.87 5.02
N ILE A 273 -13.18 0.54 5.15
CA ILE A 273 -11.91 -0.15 5.32
C ILE A 273 -11.76 -1.20 4.23
N LEU A 274 -10.61 -1.19 3.56
CA LEU A 274 -10.30 -2.18 2.54
C LEU A 274 -9.11 -3.02 2.95
N SER A 275 -9.38 -4.20 3.53
CA SER A 275 -8.30 -5.07 3.97
C SER A 275 -7.92 -6.03 2.86
N GLN A 276 -6.62 -6.15 2.61
CA GLN A 276 -6.16 -6.81 1.41
C GLN A 276 -5.16 -7.91 1.70
N ARG A 277 -5.21 -8.95 0.87
CA ARG A 277 -4.24 -10.02 0.89
C ARG A 277 -4.00 -10.39 -0.59
N LEU A 278 -2.74 -10.60 -0.96
CA LEU A 278 -2.42 -11.02 -2.33
C LEU A 278 -2.08 -12.50 -2.37
N LEU A 279 -2.94 -13.30 -3.01
CA LEU A 279 -2.76 -14.76 -3.05
C LEU A 279 -2.25 -15.21 -4.41
N PRO A 280 -1.45 -16.28 -4.42
CA PRO A 280 -0.95 -16.76 -5.71
C PRO A 280 -2.13 -17.19 -6.58
N LYS A 281 -2.10 -16.77 -7.85
CA LYS A 281 -3.12 -17.12 -8.81
C LYS A 281 -3.08 -18.65 -9.09
N ALA A 282 -4.26 -19.24 -9.30
CA ALA A 282 -4.38 -20.69 -9.46
C ALA A 282 -3.64 -21.21 -10.70
N ASP A 283 -3.82 -20.55 -11.84
CA ASP A 283 -3.05 -20.91 -13.03
C ASP A 283 -1.55 -20.66 -12.82
N GLY A 284 -1.23 -19.64 -12.01
CA GLY A 284 0.15 -19.29 -11.69
C GLY A 284 0.70 -18.13 -12.52
N GLN A 285 -0.20 -17.35 -13.11
CA GLN A 285 0.18 -16.15 -13.85
C GLN A 285 0.21 -14.94 -12.94
N GLY A 286 0.87 -15.07 -11.79
CA GLY A 286 0.97 -13.97 -10.86
C GLY A 286 0.09 -14.13 -9.64
N ARG A 287 -0.55 -13.04 -9.23
CA ARG A 287 -1.32 -13.02 -8.00
C ARG A 287 -2.68 -12.37 -8.18
N VAL A 288 -3.55 -12.58 -7.20
CA VAL A 288 -4.91 -12.07 -7.23
C VAL A 288 -5.25 -11.47 -5.86
N LEU A 289 -6.13 -10.47 -5.85
CA LEU A 289 -6.46 -9.77 -4.62
C LEU A 289 -7.64 -10.39 -3.90
N ALA A 290 -7.41 -10.75 -2.64
CA ALA A 290 -8.48 -11.10 -1.72
C ALA A 290 -8.80 -9.84 -0.95
N LEU A 291 -10.06 -9.45 -0.94
CA LEU A 291 -10.45 -8.12 -0.46
C LEU A 291 -11.69 -8.17 0.42
N GLU A 292 -11.57 -7.61 1.61
CA GLU A 292 -12.70 -7.43 2.53
C GLU A 292 -13.06 -5.95 2.61
N ILE A 293 -14.36 -5.65 2.47
CA ILE A 293 -14.86 -4.26 2.48
C ILE A 293 -15.82 -3.99 3.62
N LEU A 294 -15.43 -3.09 4.53
CA LEU A 294 -16.36 -2.53 5.50
C LEU A 294 -16.73 -1.11 5.08
N ILE A 295 -18.00 -0.88 4.79
CA ILE A 295 -18.44 0.47 4.49
C ILE A 295 -19.17 1.03 5.69
N ALA A 296 -18.80 2.24 6.10
CA ALA A 296 -19.36 2.85 7.29
C ALA A 296 -20.75 3.46 7.04
N THR A 297 -21.73 2.59 6.82
CA THR A 297 -23.14 2.96 6.79
C THR A 297 -23.57 3.50 8.17
N PRO A 298 -24.75 4.14 8.24
CA PRO A 298 -25.28 4.55 9.54
C PRO A 298 -25.34 3.40 10.55
N TYR A 299 -25.80 2.24 10.08
CA TYR A 299 -25.90 1.08 10.97
C TYR A 299 -24.51 0.66 11.44
N VAL A 300 -23.54 0.61 10.53
CA VAL A 300 -22.18 0.20 10.88
C VAL A 300 -21.58 1.16 11.91
N ARG A 301 -21.95 2.43 11.82
CA ARG A 301 -21.43 3.43 12.74
C ARG A 301 -21.87 3.15 14.17
N GLU A 302 -23.11 2.70 14.33
CA GLU A 302 -23.62 2.26 15.63
C GLU A 302 -22.73 1.20 16.21
N LEU A 303 -22.47 0.18 15.41
CA LEU A 303 -21.62 -0.96 15.78
C LEU A 303 -20.25 -0.53 16.26
N LEU A 304 -19.66 0.41 15.51
CA LEU A 304 -18.37 1.01 15.86
C LEU A 304 -18.44 1.76 17.20
N LYS A 305 -19.48 2.57 17.35
CA LYS A 305 -19.57 3.47 18.49
C LYS A 305 -19.86 2.70 19.77
N ASP A 306 -20.45 1.52 19.63
CA ASP A 306 -20.84 0.67 20.76
C ASP A 306 -19.98 -0.60 20.85
N GLU A 307 -19.15 -0.70 21.89
CA GLU A 307 -18.24 -1.83 22.04
C GLU A 307 -18.92 -3.22 22.05
N GLU A 308 -20.15 -3.28 22.54
CA GLU A 308 -20.86 -4.55 22.65
C GLU A 308 -21.39 -5.02 21.30
N LYS A 309 -21.65 -4.08 20.40
CA LYS A 309 -22.22 -4.42 19.11
C LYS A 309 -21.16 -4.47 18.01
N THR A 310 -19.90 -4.29 18.39
CA THR A 310 -18.81 -4.15 17.40
C THR A 310 -18.51 -5.45 16.64
N PRO A 311 -18.53 -6.61 17.34
CA PRO A 311 -18.32 -7.81 16.53
C PRO A 311 -19.44 -8.08 15.50
N GLN A 312 -20.61 -7.48 15.68
CA GLN A 312 -21.70 -7.56 14.70
C GLN A 312 -21.33 -6.90 13.37
N ILE A 313 -20.05 -6.59 13.24
CA ILE A 313 -19.51 -6.04 12.03
C ILE A 313 -19.42 -7.16 10.99
N LYS A 314 -19.11 -8.38 11.44
CA LYS A 314 -19.05 -9.56 10.59
C LYS A 314 -20.35 -9.73 9.82
N GLU A 315 -21.44 -9.78 10.57
CA GLU A 315 -22.76 -10.03 10.01
C GLU A 315 -23.11 -8.89 9.06
N ALA A 316 -22.76 -7.67 9.45
CA ALA A 316 -23.03 -6.47 8.67
C ALA A 316 -22.38 -6.54 7.29
N MET A 317 -21.14 -7.02 7.26
CA MET A 317 -20.42 -7.16 6.01
C MET A 317 -21.00 -8.27 5.13
N MET A 318 -21.28 -9.41 5.74
CA MET A 318 -21.82 -10.56 5.01
C MET A 318 -23.17 -10.27 4.36
N GLU A 319 -23.91 -9.29 4.90
CA GLU A 319 -25.20 -8.93 4.34
C GLU A 319 -25.16 -7.55 3.68
N GLY A 320 -23.97 -6.95 3.61
CA GLY A 320 -23.87 -5.56 3.21
C GLY A 320 -23.63 -5.29 1.74
N SER A 321 -23.76 -6.32 0.92
CA SER A 321 -23.37 -6.30 -0.49
C SER A 321 -24.09 -5.22 -1.31
N LEU A 322 -25.14 -4.66 -0.72
CA LEU A 322 -25.80 -3.48 -1.28
C LEU A 322 -24.87 -2.26 -1.23
N TYR A 323 -23.68 -2.40 -0.63
CA TYR A 323 -22.83 -1.25 -0.33
C TYR A 323 -21.35 -1.14 -0.81
N GLY A 324 -20.73 -2.12 -1.46
CA GLY A 324 -21.05 -3.52 -1.44
C GLY A 324 -19.97 -4.14 -0.58
N MET A 325 -20.37 -4.48 0.64
CA MET A 325 -19.47 -5.10 1.60
C MET A 325 -19.35 -6.61 1.34
N ARG A 326 -18.42 -7.23 2.07
CA ARG A 326 -18.14 -8.66 2.02
C ARG A 326 -16.96 -8.94 2.94
N THR A 327 -16.89 -10.13 3.51
CA THR A 327 -15.77 -10.52 4.35
C THR A 327 -14.70 -11.17 3.50
N PHE A 328 -13.51 -11.37 4.09
CA PHE A 328 -12.49 -12.16 3.41
C PHE A 328 -13.00 -13.55 3.06
N ASP A 329 -13.63 -14.22 4.04
CA ASP A 329 -14.04 -15.60 3.85
C ASP A 329 -15.07 -15.66 2.74
N GLN A 330 -15.86 -14.60 2.59
CA GLN A 330 -16.81 -14.51 1.48
C GLN A 330 -16.12 -14.35 0.13
N HIS A 331 -15.14 -13.45 0.07
CA HIS A 331 -14.50 -13.20 -1.21
C HIS A 331 -13.67 -14.40 -1.65
N LEU A 332 -13.17 -15.16 -0.67
CA LEU A 332 -12.30 -16.31 -0.95
C LEU A 332 -13.07 -17.45 -1.62
N VAL A 333 -14.22 -17.78 -1.04
CA VAL A 333 -15.20 -18.65 -1.69
C VAL A 333 -15.38 -18.25 -3.16
N GLU A 334 -15.67 -16.97 -3.39
CA GLU A 334 -15.90 -16.44 -4.73
C GLU A 334 -14.67 -16.60 -5.62
N LEU A 335 -13.49 -16.45 -5.04
CA LEU A 335 -12.25 -16.61 -5.80
C LEU A 335 -11.97 -18.08 -6.10
N TYR A 336 -12.19 -18.93 -5.09
CA TYR A 336 -12.00 -20.37 -5.25
C TYR A 336 -12.95 -20.96 -6.29
N THR A 337 -14.26 -20.76 -6.12
CA THR A 337 -15.23 -21.33 -7.07
C THR A 337 -14.96 -20.85 -8.49
N GLU A 338 -14.45 -19.63 -8.63
CA GLU A 338 -14.14 -19.08 -9.95
C GLU A 338 -12.80 -19.55 -10.47
N GLY A 339 -12.11 -20.33 -9.67
CA GLY A 339 -10.87 -20.94 -10.12
C GLY A 339 -9.71 -19.98 -10.24
N LEU A 340 -9.70 -18.94 -9.39
CA LEU A 340 -8.61 -17.98 -9.38
C LEU A 340 -7.57 -18.31 -8.29
N ILE A 341 -7.97 -19.10 -7.30
CA ILE A 341 -7.05 -19.60 -6.28
C ILE A 341 -7.28 -21.08 -5.98
N SER A 342 -6.26 -21.75 -5.46
CA SER A 342 -6.39 -23.15 -5.09
C SER A 342 -7.18 -23.28 -3.81
N LEU A 343 -7.63 -24.49 -3.52
CA LEU A 343 -8.32 -24.75 -2.27
C LEU A 343 -7.36 -24.59 -1.11
N GLU A 344 -6.13 -25.05 -1.31
CA GLU A 344 -5.11 -24.96 -0.28
C GLU A 344 -4.87 -23.51 0.10
N ASP A 345 -4.57 -22.69 -0.90
CA ASP A 345 -4.37 -21.27 -0.70
C ASP A 345 -5.62 -20.58 -0.12
N ALA A 346 -6.80 -20.91 -0.65
CA ALA A 346 -8.03 -20.37 -0.11
C ALA A 346 -8.19 -20.70 1.39
N LEU A 347 -7.79 -21.91 1.79
CA LEU A 347 -7.98 -22.34 3.17
C LEU A 347 -6.93 -21.79 4.11
N SER A 348 -5.71 -21.59 3.62
CA SER A 348 -4.66 -21.05 4.48
C SER A 348 -4.88 -19.55 4.71
N ALA A 349 -5.56 -18.91 3.76
CA ALA A 349 -5.86 -17.48 3.84
C ALA A 349 -7.11 -17.17 4.67
N ALA A 350 -7.99 -18.15 4.81
CA ALA A 350 -9.32 -17.93 5.40
C ALA A 350 -9.26 -17.47 6.86
N THR A 351 -10.05 -16.45 7.19
CA THR A 351 -10.15 -15.91 8.54
C THR A 351 -10.47 -17.01 9.55
N SER A 352 -11.43 -17.86 9.21
CA SER A 352 -11.58 -19.14 9.91
C SER A 352 -11.82 -20.23 8.88
N PRO A 353 -10.80 -21.10 8.68
CA PRO A 353 -10.79 -22.21 7.70
C PRO A 353 -12.00 -23.14 7.88
N HIS A 354 -12.68 -22.96 8.99
CA HIS A 354 -13.94 -23.61 9.28
C HIS A 354 -15.09 -22.93 8.56
N GLU A 355 -15.32 -21.66 8.88
CA GLU A 355 -16.42 -20.90 8.30
C GLU A 355 -16.31 -20.87 6.78
N PHE A 356 -15.12 -21.16 6.27
CA PHE A 356 -14.90 -21.24 4.84
C PHE A 356 -15.65 -22.39 4.18
N ARG A 357 -15.39 -23.62 4.63
CA ARG A 357 -15.96 -24.80 3.95
C ARG A 357 -17.48 -24.83 4.09
N LEU A 358 -18.00 -24.42 5.23
CA LEU A 358 -19.43 -24.18 5.39
C LEU A 358 -19.93 -23.29 4.26
N LEU A 359 -19.44 -22.05 4.26
CA LEU A 359 -19.77 -21.06 3.24
C LEU A 359 -19.60 -21.59 1.82
N LEU A 360 -18.53 -22.36 1.59
CA LEU A 360 -18.24 -22.92 0.27
C LEU A 360 -19.30 -23.91 -0.18
N THR A 361 -19.66 -24.83 0.72
CA THR A 361 -20.61 -25.91 0.39
C THR A 361 -21.90 -25.36 -0.23
N LYS A 362 -22.20 -24.09 0.07
CA LYS A 362 -23.35 -23.42 -0.49
C LYS A 362 -23.06 -22.82 -1.87
N ALA A 363 -22.29 -23.56 -2.67
CA ALA A 363 -22.01 -23.19 -4.04
C ALA A 363 -21.45 -24.39 -4.81
#